data_9UBT
#
_entry.id   9UBT
#
_cell.length_a   48.168
_cell.length_b   72.221
_cell.length_c   75.385
_cell.angle_alpha   90.000
_cell.angle_beta   90.000
_cell.angle_gamma   90.000
#
_symmetry.space_group_name_H-M   'P 21 21 21'
#
loop_
_entity.id
_entity.type
_entity.pdbx_description
1 polymer 'YqcI/YcgG family protein AglA'
2 non-polymer 'PROTOPORPHYRIN IX CONTAINING FE'
3 non-polymer ARGININE
4 non-polymer '(aminomethyl)phosphonic acid'
5 water water
#
_entity_poly.entity_id   1
_entity_poly.type   'polypeptide(L)'
_entity_poly.pdbx_seq_one_letter_code
;MESYLWRDSEVSRSGSGDEPFGWVPEAHSVFTERILAEEPPYPCYFGTQGQQRGNNSFSAVDTRYPDTHGPAALARSLRA
YRQRAWQGPKRQTLIVFVGPAVPGAELADDHRRFWTLLDELRAYDTEPWPADVPADPSDPRWQWCFDGEPWFIFAASPAY
KDRRSRDLGPCLTLVFQVRRVFEGIGGSTVAGKAAKRRVREGLARYDRIGPHPTLGDGDTSTDFKWRQYTLPDDDSVAAP
DACPVRHHAAAPVLPERNAVDGSALPQPHERQRP
;
_entity_poly.pdbx_strand_id   A
#
loop_
_chem_comp.id
_chem_comp.type
_chem_comp.name
_chem_comp.formula
HEM non-polymer 'PROTOPORPHYRIN IX CONTAINING FE' 'C34 H32 Fe N4 O4'
PGL peptide-like '(aminomethyl)phosphonic acid' 'C H6 N O3 P'
#
# COMPACT_ATOMS: atom_id res chain seq x y z
N GLU A 2 -6.73 4.80 -22.12
CA GLU A 2 -5.61 5.61 -21.65
C GLU A 2 -5.46 5.56 -20.14
N SER A 3 -6.57 5.37 -19.43
CA SER A 3 -6.55 5.32 -17.97
C SER A 3 -6.24 3.91 -17.49
N TYR A 4 -5.27 3.80 -16.58
CA TYR A 4 -4.93 2.54 -15.95
C TYR A 4 -5.47 2.44 -14.53
N LEU A 5 -6.55 3.17 -14.25
CA LEU A 5 -7.23 3.09 -12.96
C LEU A 5 -8.47 2.22 -13.15
N TRP A 6 -8.54 1.09 -12.43
CA TRP A 6 -9.57 0.08 -12.64
C TRP A 6 -10.36 -0.21 -11.36
N ARG A 7 -11.68 -0.25 -11.47
CA ARG A 7 -12.47 -0.95 -10.46
C ARG A 7 -12.36 -2.46 -10.70
N ASP A 8 -12.87 -3.24 -9.73
CA ASP A 8 -12.78 -4.70 -9.81
C ASP A 8 -13.24 -5.23 -11.16
N SER A 9 -14.41 -4.79 -11.61
CA SER A 9 -15.02 -5.29 -12.86
C SER A 9 -14.24 -4.88 -14.09
N GLU A 10 -13.34 -3.89 -13.99
CA GLU A 10 -12.58 -3.40 -15.11
C GLU A 10 -11.17 -3.99 -15.21
N VAL A 11 -10.72 -4.70 -14.18
CA VAL A 11 -9.32 -5.15 -14.16
C VAL A 11 -9.03 -6.10 -15.32
N SER A 12 -10.03 -6.87 -15.74
CA SER A 12 -9.79 -7.84 -16.81
C SER A 12 -9.42 -7.16 -18.13
N ARG A 13 -9.72 -5.88 -18.29
CA ARG A 13 -9.36 -5.15 -19.51
C ARG A 13 -7.92 -4.65 -19.48
N SER A 14 -7.20 -4.86 -18.38
CA SER A 14 -5.82 -4.38 -18.28
C SER A 14 -4.94 -4.98 -19.36
N GLY A 15 -5.08 -6.27 -19.60
CA GLY A 15 -4.27 -6.94 -20.61
C GLY A 15 -4.66 -8.41 -20.65
N SER A 16 -4.38 -9.03 -21.79
CA SER A 16 -4.77 -10.42 -22.03
C SER A 16 -3.62 -11.14 -22.70
N GLY A 17 -3.14 -12.21 -22.05
CA GLY A 17 -2.06 -12.98 -22.65
C GLY A 17 -0.71 -12.27 -22.52
N ASP A 18 0.14 -12.49 -23.52
CA ASP A 18 1.51 -11.96 -23.50
C ASP A 18 1.53 -10.53 -24.04
N GLU A 19 1.04 -9.62 -23.22
CA GLU A 19 1.06 -8.20 -23.56
C GLU A 19 1.25 -7.44 -22.26
N PRO A 20 1.49 -6.12 -22.32
CA PRO A 20 1.64 -5.36 -21.08
C PRO A 20 0.45 -5.56 -20.16
N PHE A 21 0.73 -5.71 -18.87
CA PHE A 21 -0.30 -5.96 -17.86
C PHE A 21 -1.01 -7.30 -18.04
N GLY A 22 -0.54 -8.19 -18.91
CA GLY A 22 -1.25 -9.46 -19.10
C GLY A 22 -1.29 -10.33 -17.86
N TRP A 23 -0.35 -10.10 -16.93
CA TRP A 23 -0.24 -10.78 -15.65
C TRP A 23 -1.10 -10.14 -14.56
N VAL A 24 -1.72 -9.00 -14.84
CA VAL A 24 -2.46 -8.27 -13.81
C VAL A 24 -3.75 -8.99 -13.40
N PRO A 25 -4.56 -9.52 -14.33
CA PRO A 25 -5.80 -10.17 -13.86
C PRO A 25 -5.56 -11.30 -12.89
N GLU A 26 -4.53 -12.13 -13.11
CA GLU A 26 -4.24 -13.18 -12.13
C GLU A 26 -3.77 -12.60 -10.82
N ALA A 27 -2.94 -11.54 -10.86
CA ALA A 27 -2.51 -10.91 -9.61
C ALA A 27 -3.70 -10.36 -8.83
N HIS A 28 -4.67 -9.79 -9.55
CA HIS A 28 -5.89 -9.32 -8.93
C HIS A 28 -6.65 -10.46 -8.25
N SER A 29 -6.76 -11.62 -8.92
CA SER A 29 -7.46 -12.74 -8.33
C SER A 29 -6.76 -13.27 -7.09
N VAL A 30 -5.42 -13.38 -7.13
CA VAL A 30 -4.70 -13.85 -5.96
C VAL A 30 -4.92 -12.89 -4.79
N PHE A 31 -4.84 -11.59 -5.05
CA PHE A 31 -5.07 -10.58 -4.01
C PHE A 31 -6.46 -10.73 -3.39
N THR A 32 -7.50 -10.84 -4.21
CA THR A 32 -8.85 -10.94 -3.65
C THR A 32 -9.02 -12.25 -2.89
N GLU A 33 -8.44 -13.35 -3.39
CA GLU A 33 -8.49 -14.60 -2.62
C GLU A 33 -7.86 -14.43 -1.24
N ARG A 34 -6.74 -13.70 -1.16
CA ARG A 34 -6.07 -13.53 0.13
C ARG A 34 -6.92 -12.71 1.09
N ILE A 35 -7.47 -11.59 0.58
CA ILE A 35 -8.12 -10.66 1.48
C ILE A 35 -9.54 -11.11 1.83
N LEU A 36 -10.14 -11.99 1.03
CA LEU A 36 -11.49 -12.49 1.31
C LEU A 36 -11.49 -13.87 1.95
N ALA A 37 -10.32 -14.41 2.29
CA ALA A 37 -10.22 -15.77 2.80
C ALA A 37 -11.02 -15.95 4.09
N GLU A 38 -11.63 -17.12 4.24
CA GLU A 38 -12.50 -17.38 5.39
C GLU A 38 -11.74 -17.87 6.62
N GLU A 39 -10.74 -18.74 6.45
CA GLU A 39 -10.13 -19.35 7.62
C GLU A 39 -8.64 -19.62 7.41
N PRO A 40 -7.78 -18.92 8.15
CA PRO A 40 -8.11 -17.83 9.08
C PRO A 40 -8.45 -16.61 8.26
N PRO A 41 -9.26 -15.70 8.78
CA PRO A 41 -9.56 -14.47 8.04
C PRO A 41 -8.33 -13.61 7.88
N TYR A 42 -8.32 -12.84 6.80
CA TYR A 42 -7.27 -11.86 6.62
C TYR A 42 -7.24 -10.93 7.84
N PRO A 43 -6.06 -10.57 8.35
CA PRO A 43 -6.02 -9.86 9.65
C PRO A 43 -6.61 -8.47 9.63
N CYS A 44 -6.51 -7.73 8.52
CA CYS A 44 -7.08 -6.39 8.50
C CYS A 44 -8.51 -6.49 7.98
N TYR A 45 -9.46 -6.42 8.89
CA TYR A 45 -10.86 -6.46 8.48
C TYR A 45 -11.27 -5.24 7.68
N PHE A 46 -10.58 -4.11 7.84
CA PHE A 46 -10.86 -2.94 7.01
C PHE A 46 -10.60 -3.25 5.54
N GLY A 47 -9.47 -3.91 5.27
CA GLY A 47 -9.18 -4.26 3.88
C GLY A 47 -10.19 -5.22 3.32
N THR A 48 -10.59 -6.22 4.12
CA THR A 48 -11.61 -7.16 3.68
C THR A 48 -12.94 -6.46 3.42
N GLN A 49 -13.35 -5.59 4.35
CA GLN A 49 -14.60 -4.86 4.17
C GLN A 49 -14.54 -3.98 2.93
N GLY A 50 -13.40 -3.31 2.71
CA GLY A 50 -13.26 -2.49 1.51
C GLY A 50 -13.42 -3.31 0.24
N GLN A 51 -12.86 -4.51 0.22
CA GLN A 51 -13.04 -5.37 -0.94
C GLN A 51 -14.49 -5.77 -1.11
N GLN A 52 -15.14 -6.21 -0.02
CA GLN A 52 -16.53 -6.66 -0.06
C GLN A 52 -17.48 -5.55 -0.49
N ARG A 53 -17.13 -4.30 -0.22
CA ARG A 53 -18.01 -3.17 -0.49
C ARG A 53 -17.69 -2.47 -1.80
N GLY A 54 -16.74 -2.99 -2.57
CA GLY A 54 -16.42 -2.39 -3.85
C GLY A 54 -15.61 -1.11 -3.76
N ASN A 55 -14.89 -0.92 -2.66
CA ASN A 55 -14.16 0.33 -2.41
C ASN A 55 -12.68 0.24 -2.73
N ASN A 56 -12.22 -0.88 -3.28
CA ASN A 56 -10.83 -1.01 -3.68
C ASN A 56 -10.71 -0.77 -5.18
N SER A 57 -9.77 0.09 -5.57
CA SER A 57 -9.42 0.34 -6.96
C SER A 57 -8.02 -0.22 -7.19
N PHE A 58 -7.64 -0.34 -8.47
CA PHE A 58 -6.42 -1.04 -8.85
C PHE A 58 -5.68 -0.30 -9.97
N SER A 59 -4.36 -0.42 -9.94
CA SER A 59 -3.54 -0.02 -11.09
C SER A 59 -2.33 -0.95 -11.15
N ALA A 60 -1.39 -0.66 -12.03
CA ALA A 60 -0.23 -1.53 -12.15
C ALA A 60 0.91 -0.75 -12.81
N VAL A 61 2.11 -1.30 -12.62
CA VAL A 61 3.32 -0.89 -13.31
C VAL A 61 3.90 -2.13 -13.96
N ASP A 62 4.25 -2.04 -15.24
CA ASP A 62 4.87 -3.16 -15.95
C ASP A 62 6.33 -2.78 -16.15
N THR A 63 7.22 -3.45 -15.41
CA THR A 63 8.62 -3.05 -15.38
C THR A 63 9.34 -3.27 -16.70
N ARG A 64 8.75 -4.00 -17.62
CA ARG A 64 9.35 -4.16 -18.95
C ARG A 64 9.16 -2.91 -19.80
N TYR A 65 8.18 -2.07 -19.48
CA TYR A 65 7.81 -0.93 -20.32
C TYR A 65 7.74 0.32 -19.48
N PRO A 66 8.88 0.76 -18.92
CA PRO A 66 8.84 1.89 -17.98
C PRO A 66 8.38 3.20 -18.60
N ASP A 67 8.60 3.40 -19.90
CA ASP A 67 8.22 4.66 -20.55
C ASP A 67 6.72 4.78 -20.78
N THR A 68 5.99 3.65 -20.84
CA THR A 68 4.59 3.65 -21.22
C THR A 68 3.68 3.04 -20.16
N HIS A 69 4.20 2.18 -19.30
CA HIS A 69 3.42 1.51 -18.26
C HIS A 69 4.12 1.63 -16.93
N GLY A 70 4.76 2.78 -16.72
CA GLY A 70 5.60 2.98 -15.55
C GLY A 70 5.16 4.16 -14.71
N PRO A 71 6.14 4.89 -14.14
CA PRO A 71 5.80 5.95 -13.18
C PRO A 71 5.01 7.11 -13.77
N ALA A 72 5.27 7.50 -15.03
CA ALA A 72 4.50 8.59 -15.60
C ALA A 72 3.03 8.23 -15.68
N ALA A 73 2.72 7.02 -16.15
CA ALA A 73 1.33 6.58 -16.18
C ALA A 73 0.78 6.42 -14.77
N LEU A 74 1.59 5.93 -13.82
CA LEU A 74 1.08 5.77 -12.45
C LEU A 74 0.76 7.11 -11.80
N ALA A 75 1.53 8.17 -12.10
CA ALA A 75 1.20 9.49 -11.58
C ALA A 75 -0.17 9.93 -12.08
N ARG A 76 -0.49 9.67 -13.35
CA ARG A 76 -1.82 9.98 -13.85
C ARG A 76 -2.88 9.16 -13.12
N SER A 77 -2.63 7.87 -12.93
CA SER A 77 -3.58 7.02 -12.22
C SER A 77 -3.77 7.48 -10.78
N LEU A 78 -2.69 7.91 -10.13
CA LEU A 78 -2.79 8.37 -8.75
C LEU A 78 -3.60 9.66 -8.65
N ARG A 79 -3.42 10.58 -9.59
CA ARG A 79 -4.23 11.78 -9.57
C ARG A 79 -5.71 11.44 -9.77
N ALA A 80 -6.01 10.51 -10.68
CA ALA A 80 -7.39 10.11 -10.89
C ALA A 80 -7.93 9.42 -9.66
N TYR A 81 -7.10 8.58 -9.03
CA TYR A 81 -7.54 7.88 -7.82
C TYR A 81 -7.80 8.89 -6.70
N ARG A 82 -6.94 9.91 -6.56
CA ARG A 82 -7.15 10.86 -5.47
C ARG A 82 -8.50 11.53 -5.58
N GLN A 83 -8.91 11.87 -6.80
CA GLN A 83 -10.25 12.44 -7.01
C GLN A 83 -11.32 11.46 -6.57
N ARG A 84 -11.18 10.19 -6.99
CA ARG A 84 -12.13 9.15 -6.60
C ARG A 84 -12.17 8.97 -5.09
N ALA A 85 -11.01 9.10 -4.45
CA ALA A 85 -10.93 8.82 -3.02
C ALA A 85 -11.71 9.83 -2.20
N TRP A 86 -11.88 11.04 -2.73
CA TRP A 86 -12.66 12.07 -2.07
C TRP A 86 -14.11 12.12 -2.53
N GLN A 87 -14.39 11.69 -3.76
CA GLN A 87 -15.78 11.70 -4.23
C GLN A 87 -16.57 10.54 -3.64
N GLY A 88 -15.94 9.37 -3.51
CA GLY A 88 -16.60 8.21 -2.97
C GLY A 88 -16.40 8.09 -1.48
N PRO A 89 -16.63 6.89 -0.96
CA PRO A 89 -16.59 6.67 0.50
C PRO A 89 -15.23 6.95 1.11
N LYS A 90 -15.21 7.11 2.43
CA LYS A 90 -13.95 7.48 3.07
C LYS A 90 -12.94 6.33 3.03
N ARG A 91 -13.39 5.08 3.20
CA ARG A 91 -12.44 3.96 3.34
C ARG A 91 -12.21 3.27 1.99
N GLN A 92 -11.49 3.96 1.11
CA GLN A 92 -11.09 3.39 -0.16
C GLN A 92 -9.59 3.16 -0.15
N THR A 93 -9.15 2.23 -1.00
CA THR A 93 -7.74 1.90 -1.15
C THR A 93 -7.43 1.72 -2.63
N LEU A 94 -6.25 2.16 -3.05
CA LEU A 94 -5.70 1.87 -4.37
C LEU A 94 -4.60 0.83 -4.22
N ILE A 95 -4.72 -0.28 -4.95
CA ILE A 95 -3.75 -1.37 -4.89
C ILE A 95 -3.04 -1.43 -6.24
N VAL A 96 -1.71 -1.27 -6.23
CA VAL A 96 -0.92 -1.19 -7.45
C VAL A 96 0.03 -2.38 -7.55
N PHE A 97 -0.17 -3.23 -8.55
CA PHE A 97 0.68 -4.40 -8.75
C PHE A 97 1.87 -4.02 -9.61
N VAL A 98 3.07 -4.35 -9.14
CA VAL A 98 4.31 -4.11 -9.89
C VAL A 98 4.82 -5.45 -10.41
N GLY A 99 4.85 -5.61 -11.72
CA GLY A 99 5.21 -6.88 -12.31
C GLY A 99 5.84 -6.73 -13.67
N PRO A 100 6.13 -7.84 -14.36
CA PRO A 100 5.81 -9.24 -14.02
C PRO A 100 6.51 -9.71 -12.75
N ALA A 101 6.00 -10.78 -12.15
CA ALA A 101 6.59 -11.34 -10.95
C ALA A 101 8.04 -11.76 -11.20
N VAL A 102 8.87 -11.60 -10.18
CA VAL A 102 10.29 -11.93 -10.20
C VAL A 102 10.50 -13.14 -9.29
N PRO A 103 10.69 -14.34 -9.83
CA PRO A 103 10.90 -15.50 -8.96
C PRO A 103 12.12 -15.33 -8.08
N GLY A 104 11.95 -15.61 -6.79
CA GLY A 104 13.05 -15.65 -5.84
C GLY A 104 13.59 -14.32 -5.39
N ALA A 105 12.93 -13.21 -5.70
CA ALA A 105 13.41 -11.91 -5.24
C ALA A 105 13.47 -11.87 -3.72
N GLU A 106 14.47 -11.18 -3.20
CA GLU A 106 14.58 -11.01 -1.75
C GLU A 106 13.79 -9.77 -1.32
N LEU A 107 13.40 -9.77 -0.04
CA LEU A 107 12.57 -8.67 0.46
C LEU A 107 13.29 -7.33 0.33
N ALA A 108 14.59 -7.29 0.62
CA ALA A 108 15.34 -6.05 0.49
C ALA A 108 15.29 -5.52 -0.94
N ASP A 109 15.27 -6.41 -1.94
CA ASP A 109 15.19 -5.97 -3.33
C ASP A 109 13.84 -5.33 -3.61
N ASP A 110 12.76 -5.92 -3.12
CA ASP A 110 11.44 -5.35 -3.35
C ASP A 110 11.27 -4.02 -2.61
N HIS A 111 11.85 -3.90 -1.42
CA HIS A 111 11.80 -2.63 -0.72
C HIS A 111 12.56 -1.54 -1.48
N ARG A 112 13.72 -1.90 -2.06
CA ARG A 112 14.46 -0.96 -2.89
C ARG A 112 13.61 -0.49 -4.06
N ARG A 113 12.93 -1.43 -4.74
CA ARG A 113 12.08 -1.05 -5.87
C ARG A 113 10.94 -0.16 -5.42
N PHE A 114 10.38 -0.42 -4.24
CA PHE A 114 9.34 0.42 -3.68
C PHE A 114 9.81 1.86 -3.52
N TRP A 115 10.96 2.08 -2.87
CA TRP A 115 11.40 3.45 -2.64
C TRP A 115 11.79 4.12 -3.94
N THR A 116 12.38 3.38 -4.88
CA THR A 116 12.71 3.95 -6.17
C THR A 116 11.46 4.42 -6.88
N LEU A 117 10.39 3.62 -6.83
CA LEU A 117 9.15 4.02 -7.50
C LEU A 117 8.55 5.26 -6.86
N LEU A 118 8.55 5.35 -5.53
CA LEU A 118 8.04 6.56 -4.88
C LEU A 118 8.84 7.77 -5.30
N ASP A 119 10.17 7.62 -5.41
CA ASP A 119 11.01 8.73 -5.84
C ASP A 119 10.71 9.15 -7.28
N GLU A 120 10.52 8.17 -8.17
CA GLU A 120 10.19 8.51 -9.55
C GLU A 120 8.84 9.21 -9.64
N LEU A 121 7.87 8.82 -8.80
CA LEU A 121 6.56 9.46 -8.81
C LEU A 121 6.65 10.92 -8.42
N ARG A 122 7.51 11.25 -7.44
CA ARG A 122 7.66 12.63 -7.01
C ARG A 122 8.01 13.55 -8.18
N ALA A 123 8.74 13.04 -9.17
CA ALA A 123 9.14 13.85 -10.31
C ALA A 123 7.96 14.22 -11.21
N TYR A 124 6.85 13.49 -11.14
CA TYR A 124 5.68 13.73 -11.96
C TYR A 124 4.56 14.43 -11.20
N ASP A 125 4.80 14.83 -9.96
CA ASP A 125 3.81 15.54 -9.17
C ASP A 125 3.63 16.95 -9.72
N THR A 126 2.38 17.33 -10.00
CA THR A 126 2.08 18.66 -10.51
C THR A 126 1.69 19.65 -9.43
N GLU A 127 1.71 19.25 -8.16
CA GLU A 127 1.33 20.12 -7.05
C GLU A 127 2.52 20.34 -6.13
N PRO A 128 2.59 21.50 -5.48
CA PRO A 128 3.63 21.73 -4.46
C PRO A 128 3.45 20.82 -3.26
N TRP A 129 4.52 20.69 -2.49
CA TRP A 129 4.47 19.92 -1.26
C TRP A 129 3.52 20.58 -0.25
N PRO A 130 2.71 19.80 0.44
CA PRO A 130 1.72 20.37 1.38
C PRO A 130 2.38 21.14 2.51
N ALA A 131 1.81 22.32 2.83
CA ALA A 131 2.42 23.18 3.83
C ALA A 131 2.35 22.60 5.24
N ASP A 132 1.40 21.70 5.50
CA ASP A 132 1.20 21.14 6.84
C ASP A 132 2.06 19.92 7.13
N VAL A 133 2.77 19.39 6.14
CA VAL A 133 3.60 18.20 6.32
C VAL A 133 5.06 18.61 6.17
N PRO A 134 5.92 18.37 7.15
CA PRO A 134 7.33 18.72 7.00
C PRO A 134 7.93 18.05 5.77
N ALA A 135 8.76 18.81 5.05
CA ALA A 135 9.38 18.28 3.85
C ALA A 135 10.63 17.44 4.13
N ASP A 136 11.24 17.62 5.30
CA ASP A 136 12.45 16.89 5.68
C ASP A 136 12.09 15.45 6.07
N PRO A 137 12.57 14.44 5.35
CA PRO A 137 12.19 13.05 5.67
C PRO A 137 12.71 12.54 7.01
N SER A 138 13.57 13.29 7.69
CA SER A 138 14.01 12.93 9.04
C SER A 138 13.10 13.50 10.12
N ASP A 139 12.14 14.35 9.77
CA ASP A 139 11.22 14.90 10.75
C ASP A 139 10.26 13.82 11.24
N PRO A 140 9.99 13.76 12.55
CA PRO A 140 9.05 12.75 13.07
C PRO A 140 7.69 12.75 12.38
N ARG A 141 7.26 13.88 11.84
CA ARG A 141 5.93 13.99 11.25
C ARG A 141 5.97 13.95 9.72
N TRP A 142 7.11 13.66 9.11
CA TRP A 142 7.15 13.49 7.66
C TRP A 142 6.19 12.38 7.23
N GLN A 143 5.52 12.60 6.11
CA GLN A 143 4.77 11.56 5.42
C GLN A 143 4.98 11.77 3.93
N TRP A 144 4.85 10.70 3.15
CA TRP A 144 4.97 10.84 1.71
C TRP A 144 3.76 11.60 1.16
N CYS A 145 4.03 12.60 0.32
CA CYS A 145 2.98 13.45 -0.23
C CYS A 145 3.00 13.41 -1.74
N PHE A 146 1.82 13.59 -2.32
CA PHE A 146 1.66 13.61 -3.76
C PHE A 146 0.34 14.28 -4.09
N ASP A 147 0.34 15.13 -5.12
CA ASP A 147 -0.86 15.81 -5.60
C ASP A 147 -1.53 16.63 -4.50
N GLY A 148 -0.72 17.15 -3.58
CA GLY A 148 -1.18 18.14 -2.65
C GLY A 148 -1.58 17.65 -1.28
N GLU A 149 -1.39 16.37 -0.97
CA GLU A 149 -1.79 15.87 0.33
C GLU A 149 -0.95 14.66 0.71
N PRO A 150 -0.86 14.34 2.01
CA PRO A 150 -0.15 13.14 2.46
C PRO A 150 -0.93 11.87 2.22
N TRP A 151 -0.20 10.77 2.10
CA TRP A 151 -0.75 9.45 1.88
C TRP A 151 -0.17 8.49 2.90
N PHE A 152 -0.90 7.43 3.20
CA PHE A 152 -0.28 6.25 3.77
C PHE A 152 -0.06 5.26 2.64
N ILE A 153 1.13 4.69 2.59
CA ILE A 153 1.54 3.87 1.45
C ILE A 153 2.41 2.75 2.01
N PHE A 154 2.06 1.49 1.73
CA PHE A 154 2.93 0.42 2.21
C PHE A 154 3.14 -0.63 1.13
N ALA A 155 4.21 -1.40 1.35
CA ALA A 155 4.67 -2.41 0.42
C ALA A 155 4.26 -3.81 0.86
N ALA A 156 3.69 -4.57 -0.07
CA ALA A 156 3.47 -6.00 0.09
C ALA A 156 4.37 -6.74 -0.88
N SER A 157 4.78 -7.95 -0.52
CA SER A 157 5.74 -8.68 -1.34
C SER A 157 5.62 -10.17 -1.04
N PRO A 158 5.81 -11.04 -2.04
CA PRO A 158 5.88 -12.49 -1.76
C PRO A 158 7.07 -12.87 -0.89
N ALA A 159 8.04 -11.98 -0.73
CA ALA A 159 9.20 -12.29 0.11
C ALA A 159 8.92 -12.16 1.60
N TYR A 160 7.74 -11.67 1.99
CA TYR A 160 7.36 -11.70 3.40
C TYR A 160 6.97 -13.12 3.79
N LYS A 161 7.83 -13.82 4.52
CA LYS A 161 7.56 -15.20 4.88
C LYS A 161 6.89 -15.32 6.24
N ASP A 162 7.34 -14.55 7.22
CA ASP A 162 6.74 -14.59 8.55
C ASP A 162 5.61 -13.59 8.71
N ARG A 163 5.76 -12.41 8.14
CA ARG A 163 4.67 -11.42 8.14
C ARG A 163 3.78 -11.72 6.94
N ARG A 164 3.08 -12.86 7.02
CA ARG A 164 2.27 -13.37 5.91
C ARG A 164 1.20 -12.38 5.47
N SER A 165 0.71 -11.58 6.41
CA SER A 165 -0.27 -10.54 6.11
C SER A 165 0.19 -9.59 5.01
N ARG A 166 1.50 -9.44 4.81
CA ARG A 166 2.01 -8.56 3.76
C ARG A 166 2.41 -9.29 2.50
N ASP A 167 2.17 -10.59 2.43
CA ASP A 167 2.30 -11.37 1.20
C ASP A 167 0.93 -11.40 0.55
N LEU A 168 0.73 -10.55 -0.46
CA LEU A 168 -0.56 -10.42 -1.13
C LEU A 168 -0.59 -11.10 -2.49
N GLY A 169 0.43 -11.88 -2.82
CA GLY A 169 0.52 -12.49 -4.13
C GLY A 169 1.93 -12.41 -4.68
N PRO A 170 2.09 -12.77 -5.95
CA PRO A 170 3.44 -12.97 -6.50
C PRO A 170 4.18 -11.69 -6.85
N CYS A 171 3.54 -10.53 -6.77
CA CYS A 171 4.16 -9.27 -7.17
C CYS A 171 4.40 -8.36 -5.98
N LEU A 172 5.46 -7.57 -6.05
CA LEU A 172 5.54 -6.36 -5.23
C LEU A 172 4.26 -5.58 -5.46
N THR A 173 3.60 -5.19 -4.36
CA THR A 173 2.31 -4.55 -4.43
C THR A 173 2.34 -3.31 -3.56
N LEU A 174 1.91 -2.19 -4.11
CA LEU A 174 1.87 -0.92 -3.37
C LEU A 174 0.43 -0.61 -3.00
N VAL A 175 0.20 -0.30 -1.73
CA VAL A 175 -1.13 -0.03 -1.21
C VAL A 175 -1.17 1.44 -0.82
N PHE A 176 -1.98 2.24 -1.53
CA PHE A 176 -2.06 3.70 -1.33
C PHE A 176 -3.40 4.07 -0.69
N GLN A 177 -3.35 4.98 0.28
CA GLN A 177 -4.57 5.50 0.89
C GLN A 177 -4.38 6.98 1.16
N VAL A 178 -5.40 7.79 0.89
CA VAL A 178 -5.38 9.15 1.40
C VAL A 178 -5.76 9.12 2.88
N ARG A 179 -5.44 10.19 3.60
CA ARG A 179 -5.51 10.06 5.07
C ARG A 179 -6.93 10.13 5.61
N ARG A 180 -7.93 10.44 4.79
CA ARG A 180 -9.30 10.40 5.29
C ARG A 180 -9.73 8.99 5.65
N VAL A 181 -9.00 7.97 5.18
CA VAL A 181 -9.40 6.60 5.53
C VAL A 181 -9.31 6.35 7.03
N PHE A 182 -8.49 7.11 7.76
CA PHE A 182 -8.33 6.91 9.20
C PHE A 182 -9.19 7.87 10.00
N GLU A 183 -10.04 8.65 9.34
CA GLU A 183 -10.89 9.60 10.04
C GLU A 183 -11.89 8.85 10.91
N GLY A 184 -11.86 9.12 12.22
CA GLY A 184 -12.69 8.40 13.16
C GLY A 184 -11.98 7.30 13.92
N ILE A 185 -10.79 6.90 13.47
CA ILE A 185 -10.02 5.87 14.18
C ILE A 185 -8.63 6.40 14.52
N GLY A 186 -8.55 7.69 14.83
CA GLY A 186 -7.30 8.24 15.31
C GLY A 186 -6.81 7.55 16.57
N GLY A 187 -5.50 7.61 16.77
CA GLY A 187 -4.88 6.80 17.81
C GLY A 187 -5.36 7.08 19.23
N SER A 188 -5.80 8.31 19.52
CA SER A 188 -6.30 8.59 20.86
C SER A 188 -7.76 8.22 21.04
N THR A 189 -8.46 7.88 19.96
CA THR A 189 -9.91 7.67 20.07
C THR A 189 -10.22 6.26 20.55
N VAL A 190 -11.40 6.14 21.15
CA VAL A 190 -11.92 4.83 21.56
C VAL A 190 -11.99 3.89 20.36
N ALA A 191 -12.52 4.38 19.24
CA ALA A 191 -12.62 3.52 18.05
C ALA A 191 -11.24 3.20 17.47
N GLY A 192 -10.29 4.13 17.57
CA GLY A 192 -8.96 3.86 17.05
C GLY A 192 -8.23 2.79 17.84
N LYS A 193 -8.37 2.80 19.17
CA LYS A 193 -7.74 1.76 19.98
C LYS A 193 -8.41 0.42 19.73
N ALA A 194 -9.73 0.41 19.59
CA ALA A 194 -10.44 -0.82 19.26
C ALA A 194 -10.01 -1.38 17.91
N ALA A 195 -9.78 -0.50 16.93
CA ALA A 195 -9.36 -0.92 15.60
C ALA A 195 -8.01 -1.62 15.67
N LYS A 196 -7.06 -1.04 16.40
CA LYS A 196 -5.75 -1.68 16.49
C LYS A 196 -5.83 -3.00 17.23
N ARG A 197 -6.62 -3.06 18.31
CA ARG A 197 -6.83 -4.33 19.00
C ARG A 197 -7.33 -5.40 18.04
N ARG A 198 -8.36 -5.06 17.27
CA ARG A 198 -9.01 -6.06 16.44
C ARG A 198 -8.07 -6.53 15.34
N VAL A 199 -7.34 -5.61 14.70
CA VAL A 199 -6.40 -6.05 13.68
C VAL A 199 -5.27 -6.86 14.28
N ARG A 200 -4.73 -6.41 15.42
CA ARG A 200 -3.59 -7.14 16.00
C ARG A 200 -4.00 -8.52 16.48
N GLU A 201 -5.24 -8.71 16.92
CA GLU A 201 -5.70 -10.06 17.23
C GLU A 201 -5.78 -10.90 15.97
N GLY A 202 -6.16 -10.29 14.85
CA GLY A 202 -6.11 -11.00 13.58
C GLY A 202 -4.71 -11.42 13.19
N LEU A 203 -3.74 -10.52 13.41
CA LEU A 203 -2.34 -10.86 13.11
C LEU A 203 -1.86 -12.05 13.93
N ALA A 204 -2.31 -12.12 15.18
CA ALA A 204 -1.90 -13.20 16.07
C ALA A 204 -2.49 -14.55 15.65
N ARG A 205 -3.48 -14.54 14.77
CA ARG A 205 -4.08 -15.77 14.24
C ARG A 205 -3.72 -16.02 12.78
N TYR A 206 -2.72 -15.31 12.24
CA TYR A 206 -2.42 -15.33 10.82
C TYR A 206 -0.93 -15.35 10.54
N ASP A 207 -0.18 -14.50 11.24
CA ASP A 207 1.25 -14.30 10.99
C ASP A 207 2.13 -15.18 11.88
N ARG A 208 3.36 -15.38 11.43
CA ARG A 208 4.35 -16.12 12.21
C ARG A 208 5.13 -15.22 13.17
N ILE A 209 4.91 -13.91 13.11
CA ILE A 209 5.60 -12.95 13.96
C ILE A 209 4.57 -11.88 14.33
N GLY A 210 4.73 -11.30 15.53
CA GLY A 210 3.74 -10.37 16.05
C GLY A 210 3.84 -9.00 15.41
N PRO A 211 2.95 -8.10 15.84
CA PRO A 211 2.95 -6.74 15.30
C PRO A 211 4.32 -6.09 15.41
N HIS A 212 4.71 -5.37 14.36
CA HIS A 212 6.03 -4.78 14.36
C HIS A 212 6.10 -3.61 15.34
N PRO A 213 7.24 -3.44 16.04
CA PRO A 213 7.32 -2.35 17.03
C PRO A 213 7.11 -0.97 16.48
N THR A 214 7.40 -0.73 15.18
CA THR A 214 7.22 0.61 14.64
C THR A 214 5.75 0.98 14.47
N LEU A 215 4.84 0.01 14.61
CA LEU A 215 3.41 0.32 14.65
C LEU A 215 2.99 0.95 15.98
N GLY A 216 3.89 1.02 16.96
CA GLY A 216 3.57 1.60 18.24
C GLY A 216 2.88 0.64 19.18
N ASP A 217 2.71 1.08 20.44
CA ASP A 217 2.17 0.19 21.44
C ASP A 217 0.68 -0.08 21.25
N GLY A 218 -0.01 0.74 20.45
CA GLY A 218 -1.41 0.56 20.15
C GLY A 218 -2.35 1.51 20.88
N ASP A 219 -1.84 2.31 21.81
CA ASP A 219 -2.67 3.23 22.58
C ASP A 219 -2.50 4.69 22.17
N THR A 220 -1.69 4.98 21.16
CA THR A 220 -1.50 6.34 20.69
C THR A 220 -1.23 6.34 19.19
N SER A 221 -1.24 7.55 18.63
CA SER A 221 -0.79 7.76 17.26
C SER A 221 0.70 7.46 17.15
N THR A 222 1.18 7.32 15.91
CA THR A 222 2.58 7.02 15.68
C THR A 222 3.26 8.11 14.84
N ASP A 223 4.53 8.34 15.18
CA ASP A 223 5.46 9.16 14.41
C ASP A 223 6.39 8.27 13.58
N PHE A 224 7.24 8.92 12.77
CA PHE A 224 8.17 8.21 11.88
C PHE A 224 7.46 7.13 11.08
N LYS A 225 6.34 7.53 10.47
CA LYS A 225 5.49 6.59 9.74
C LYS A 225 6.22 5.95 8.57
N TRP A 226 7.30 6.56 8.05
CA TRP A 226 8.00 5.98 6.92
C TRP A 226 8.45 4.56 7.21
N ARG A 227 8.78 4.26 8.47
CA ARG A 227 9.25 2.91 8.78
C ARG A 227 8.15 1.88 8.62
N GLN A 228 6.89 2.29 8.75
CA GLN A 228 5.77 1.38 8.53
C GLN A 228 5.56 1.08 7.06
N TYR A 229 6.08 1.92 6.16
CA TYR A 229 5.82 1.67 4.74
C TYR A 229 6.47 0.36 4.30
N THR A 230 7.69 0.10 4.78
CA THR A 230 8.44 -1.10 4.42
C THR A 230 8.85 -1.85 5.68
N LEU A 231 7.90 -2.50 6.33
CA LEU A 231 8.23 -3.29 7.52
C LEU A 231 9.22 -4.40 7.16
N PRO A 232 10.18 -4.70 8.02
CA PRO A 232 10.99 -5.90 7.83
C PRO A 232 10.18 -7.15 8.15
N ASP A 233 10.76 -8.31 7.84
CA ASP A 233 10.09 -9.56 8.16
C ASP A 233 10.41 -10.05 9.57
N ASP A 234 11.18 -9.28 10.33
CA ASP A 234 11.58 -9.64 11.69
C ASP A 234 11.31 -8.46 12.61
N ASP A 235 11.94 -8.47 13.79
CA ASP A 235 11.76 -7.41 14.78
C ASP A 235 12.80 -6.31 14.68
N SER A 236 13.56 -6.23 13.58
CA SER A 236 14.55 -5.16 13.46
C SER A 236 13.84 -3.80 13.33
N VAL A 237 14.52 -2.75 13.79
CA VAL A 237 13.93 -1.40 13.80
C VAL A 237 14.91 -0.44 13.14
N ALA A 238 14.49 0.16 12.02
CA ALA A 238 15.37 1.06 11.29
C ALA A 238 15.63 2.35 12.06
N ALA A 239 16.76 2.98 11.74
CA ALA A 239 17.11 4.26 12.34
C ALA A 239 16.08 5.30 11.91
N PRO A 240 15.55 6.12 12.83
CA PRO A 240 14.45 7.03 12.44
C PRO A 240 14.83 8.03 11.37
N ASP A 241 16.09 8.45 11.29
CA ASP A 241 16.49 9.46 10.32
C ASP A 241 17.01 8.85 9.02
N ALA A 242 16.73 7.58 8.76
CA ALA A 242 17.32 6.87 7.63
C ALA A 242 16.31 6.59 6.52
N CYS A 243 15.25 7.38 6.41
CA CYS A 243 14.29 7.19 5.32
C CYS A 243 15.01 7.27 3.98
N PRO A 244 14.82 6.30 3.07
CA PRO A 244 15.63 6.28 1.84
C PRO A 244 15.26 7.34 0.82
N VAL A 245 14.17 8.08 0.99
CA VAL A 245 13.73 9.03 -0.05
C VAL A 245 14.75 10.16 -0.23
CHA HEM B . -3.30 -2.84 9.78
CHB HEM B . -3.45 -4.36 5.15
CHC HEM B . -7.14 -1.34 4.26
CHD HEM B . -6.73 0.46 8.78
C1A HEM B . -3.01 -3.52 8.61
C2A HEM B . -1.96 -4.51 8.42
C3A HEM B . -2.02 -4.91 7.14
C4A HEM B . -3.09 -4.21 6.47
CMA HEM B . -1.12 -5.95 6.47
CAA HEM B . -0.97 -5.01 9.51
CBA HEM B . 0.06 -3.92 9.85
CGA HEM B . 0.97 -3.69 8.66
O1A HEM B . 1.22 -2.49 8.34
O2A HEM B . 1.46 -4.67 8.02
C1B HEM B . -4.48 -3.70 4.52
C2B HEM B . -4.90 -3.89 3.14
C3B HEM B . -5.92 -3.04 2.90
C4B HEM B . -6.18 -2.31 4.12
CMB HEM B . -4.25 -4.91 2.20
CAB HEM B . -6.77 -2.82 1.63
CBB HEM B . -6.82 -3.67 0.59
C1C HEM B . -7.33 -0.56 5.40
C2C HEM B . -8.24 0.54 5.52
C3C HEM B . -8.14 1.03 6.76
C4C HEM B . -7.14 0.26 7.48
CMC HEM B . -9.18 1.05 4.41
CAC HEM B . -8.96 2.24 7.29
CBC HEM B . -9.50 2.19 8.51
C1D HEM B . -5.83 -0.31 9.46
C2D HEM B . -5.51 -0.22 10.87
C3D HEM B . -4.55 -1.13 11.14
C4D HEM B . -4.23 -1.83 9.92
CMD HEM B . -6.16 0.75 11.87
CAD HEM B . -3.93 -1.43 12.52
CBD HEM B . -2.61 -0.72 12.75
CGD HEM B . -2.06 -1.12 14.10
O1D HEM B . -1.24 -0.33 14.63
O2D HEM B . -2.44 -2.17 14.68
NA HEM B . -3.68 -3.36 7.40
NB HEM B . -5.28 -2.71 5.09
NC HEM B . -6.66 -0.70 6.61
ND HEM B . -5.02 -1.30 8.92
FE HEM B . -5.39 -2.23 7.11
N ARG C . -0.21 5.00 10.37
CA ARG C . -1.62 5.11 9.91
C ARG C . -2.24 6.25 10.71
O ARG C . -1.98 7.42 10.43
CB ARG C . -2.35 3.77 10.09
CG ARG C . -1.90 2.78 9.03
CD ARG C . -2.58 1.43 9.24
NE ARG C . -2.27 0.49 8.17
CZ ARG C . -1.19 -0.30 8.12
NH1 ARG C . -1.07 -1.10 7.08
NH2 ARG C . -0.26 -0.29 9.07
N PGL D . -3.04 5.91 11.73
C PGL D . -3.66 6.95 12.55
P PGL D . -2.78 7.14 14.14
O1 PGL D . -3.61 8.18 14.87
O2 PGL D . -2.82 5.78 14.82
O3 PGL D . -1.35 7.59 13.83
#